data_3UMX
#
_entry.id   3UMX
#
_cell.length_a   98.214
_cell.length_b   98.214
_cell.length_c   80.881
_cell.angle_alpha   90.000
_cell.angle_beta   90.000
_cell.angle_gamma   120.000
#
_symmetry.space_group_name_H-M   'P 65'
#
loop_
_entity.id
_entity.type
_entity.pdbx_description
1 polymer 'Proto-oncogene serine/threonine-protein kinase pim-1'
2 non-polymer (2Z)-7-(azepan-1-ylmethyl)-6-hydroxy-2-(1H-indol-3-ylmethylidene)-1-benzofuran-3(2H)-one
3 non-polymer 'SULFATE ION'
4 water water
#
_entity_poly.entity_id   1
_entity_poly.type   'polypeptide(L)'
_entity_poly.pdbx_seq_one_letter_code
;MKEKEPLESQYQVGPLLGSGGFGSVYSGIRVSDNLPVAIKHVEKDRISDWGELPNGTRVPMEVVLLKKVSSGFSGVIRLL
DWFERPDSFVLILERPEPVQDLFDFITERGALQEELARSFFWQVLEAVRHCHNCGVLHRDIKDENILIDLNRGELKLIDF
GSGALLKDTVYTDFDGTRVYSPPEWIRYHRYHGRSAAVWSLGILLYDMVCGDIPFEHDEEIIRGQVFFRQRVSSECQHLI
RWCLALRPSDRPTFEEIQNHPWMQDVLLPQETAEIHLHSLSPGPSKSGPSSGENLYFQ
;
_entity_poly.pdbx_strand_id   A
#
loop_
_chem_comp.id
_chem_comp.type
_chem_comp.name
_chem_comp.formula
Q18 non-polymer (2Z)-7-(azepan-1-ylmethyl)-6-hydroxy-2-(1H-indol-3-ylmethylidene)-1-benzofuran-3(2H)-one 'C24 H24 N2 O3'
SO4 non-polymer 'SULFATE ION' 'O4 S -2'
#
# COMPACT_ATOMS: atom_id res chain seq x y z
N GLN A 10 -0.48 9.18 -28.93
CA GLN A 10 0.68 8.46 -28.26
C GLN A 10 0.38 7.14 -27.48
N TYR A 11 -0.86 6.99 -26.98
CA TYR A 11 -1.32 5.77 -26.28
C TYR A 11 -2.61 5.22 -26.90
N GLN A 12 -2.80 3.92 -26.83
CA GLN A 12 -4.07 3.35 -27.24
C GLN A 12 -4.96 2.97 -26.07
N VAL A 13 -5.99 3.79 -25.81
CA VAL A 13 -6.83 3.57 -24.65
C VAL A 13 -7.55 2.24 -24.78
N GLY A 14 -7.39 1.37 -23.80
CA GLY A 14 -8.08 0.09 -23.72
C GLY A 14 -9.26 0.32 -22.81
N PRO A 15 -9.74 -0.74 -22.11
CA PRO A 15 -10.94 -0.68 -21.29
C PRO A 15 -10.69 -0.08 -19.93
N LEU A 16 -11.77 0.41 -19.32
CA LEU A 16 -11.72 0.99 -17.99
C LEU A 16 -11.34 -0.10 -16.97
N LEU A 17 -10.37 0.18 -16.10
CA LEU A 17 -9.91 -0.79 -15.09
C LEU A 17 -10.54 -0.53 -13.75
N GLY A 18 -10.92 0.70 -13.46
CA GLY A 18 -11.65 1.03 -12.23
C GLY A 18 -11.88 2.53 -12.08
N SER A 19 -12.70 2.91 -11.10
CA SER A 19 -13.00 4.30 -10.90
C SER A 19 -13.50 4.63 -9.49
N GLY A 20 -13.25 5.87 -9.07
CA GLY A 20 -13.76 6.44 -7.82
C GLY A 20 -14.14 7.91 -8.03
N GLY A 21 -14.33 8.65 -6.93
CA GLY A 21 -14.56 10.12 -6.92
C GLY A 21 -13.29 11.01 -7.01
N PHE A 22 -12.13 10.35 -7.14
CA PHE A 22 -10.85 10.97 -7.58
C PHE A 22 -10.71 10.94 -9.15
N GLY A 23 -10.86 9.73 -9.74
CA GLY A 23 -10.99 9.50 -11.19
C GLY A 23 -11.16 8.04 -11.61
N SER A 24 -10.52 7.70 -12.73
CA SER A 24 -10.83 6.55 -13.55
C SER A 24 -9.56 6.12 -14.19
N VAL A 25 -9.31 4.83 -14.30
CA VAL A 25 -8.03 4.33 -14.75
C VAL A 25 -8.24 3.34 -15.87
N TYR A 26 -7.58 3.50 -17.01
CA TYR A 26 -7.81 2.64 -18.19
C TYR A 26 -6.60 1.79 -18.50
N SER A 27 -6.78 0.66 -19.17
CA SER A 27 -5.64 -0.14 -19.62
C SER A 27 -5.25 0.52 -20.87
N GLY A 28 -3.98 0.40 -21.26
CA GLY A 28 -3.47 1.18 -22.39
C GLY A 28 -2.18 0.64 -22.92
N ILE A 29 -1.82 1.06 -24.14
CA ILE A 29 -0.59 0.60 -24.77
C ILE A 29 0.23 1.78 -25.24
N ARG A 30 1.54 1.74 -25.01
CA ARG A 30 2.34 2.78 -25.60
C ARG A 30 2.71 2.35 -27.02
N VAL A 31 2.66 3.32 -27.93
CA VAL A 31 2.78 3.13 -29.38
C VAL A 31 4.23 3.45 -29.88
N ASN A 34 5.99 -0.34 -27.42
CA ASN A 34 4.76 -1.18 -27.35
C ASN A 34 4.20 -1.64 -25.92
N LEU A 35 4.56 -0.87 -24.90
CA LEU A 35 4.50 -1.28 -23.49
C LEU A 35 3.14 -1.14 -22.88
N PRO A 36 2.76 -2.11 -22.03
CA PRO A 36 1.49 -1.95 -21.27
C PRO A 36 1.58 -0.80 -20.25
N VAL A 37 0.55 0.02 -20.18
CA VAL A 37 0.51 1.12 -19.25
C VAL A 37 -0.90 1.18 -18.66
N ALA A 38 -1.06 2.03 -17.65
CA ALA A 38 -2.36 2.29 -17.06
C ALA A 38 -2.45 3.79 -17.13
N ILE A 39 -3.64 4.29 -17.50
CA ILE A 39 -3.82 5.69 -17.80
C ILE A 39 -4.79 6.21 -16.79
N LYS A 40 -4.34 7.12 -15.92
CA LYS A 40 -5.14 7.47 -14.78
C LYS A 40 -5.62 8.89 -14.94
N HIS A 41 -6.92 9.11 -14.85
CA HIS A 41 -7.49 10.42 -15.10
C HIS A 41 -7.97 10.92 -13.79
N VAL A 42 -7.54 12.11 -13.39
CA VAL A 42 -7.98 12.71 -12.11
C VAL A 42 -8.64 14.08 -12.38
N GLU A 43 -9.81 14.32 -11.78
CA GLU A 43 -10.54 15.60 -11.89
C GLU A 43 -9.85 16.70 -11.06
N LYS A 44 -9.58 17.84 -11.68
CA LYS A 44 -9.11 19.02 -10.96
C LYS A 44 -10.05 19.41 -9.81
N ASP A 45 -11.37 19.48 -10.07
CA ASP A 45 -12.35 19.64 -8.99
C ASP A 45 -12.00 18.76 -7.78
N ARG A 46 -11.56 17.52 -8.02
CA ARG A 46 -11.54 16.52 -6.94
C ARG A 46 -10.20 16.32 -6.23
N ILE A 47 -9.17 17.11 -6.59
CA ILE A 47 -7.90 17.06 -5.85
C ILE A 47 -7.87 18.01 -4.65
N SER A 48 -7.49 17.50 -3.47
CA SER A 48 -7.41 18.33 -2.26
C SER A 48 -6.01 18.89 -2.03
N ASP A 49 -4.98 18.03 -2.14
CA ASP A 49 -3.58 18.43 -1.92
C ASP A 49 -2.72 18.62 -3.21
N TRP A 50 -2.30 19.85 -3.48
CA TRP A 50 -1.43 20.18 -4.64
C TRP A 50 0.10 20.34 -4.30
N GLY A 51 1.00 20.21 -5.29
CA GLY A 51 2.47 20.30 -5.08
C GLY A 51 3.15 21.11 -6.19
N GLU A 52 4.49 21.16 -6.23
CA GLU A 52 5.19 21.95 -7.28
C GLU A 52 6.06 21.14 -8.25
N ARG A 58 2.43 23.89 -10.48
CA ARG A 58 1.33 23.30 -9.68
C ARG A 58 0.85 21.95 -10.30
N VAL A 59 0.87 20.88 -9.49
CA VAL A 59 0.44 19.52 -9.92
C VAL A 59 -0.26 18.79 -8.78
N PRO A 60 -1.04 17.74 -9.09
CA PRO A 60 -1.49 16.92 -7.99
C PRO A 60 -0.31 16.32 -7.20
N MET A 61 -0.43 16.36 -5.89
CA MET A 61 0.58 15.77 -5.03
C MET A 61 1.05 14.38 -5.52
N GLU A 62 0.13 13.52 -5.99
CA GLU A 62 0.54 12.17 -6.43
CA GLU A 62 0.58 12.17 -6.40
C GLU A 62 1.74 12.27 -7.36
N VAL A 63 1.67 13.25 -8.27
CA VAL A 63 2.74 13.44 -9.29
C VAL A 63 4.03 13.83 -8.62
N VAL A 64 3.99 14.80 -7.68
CA VAL A 64 5.19 15.15 -6.91
C VAL A 64 5.77 13.90 -6.27
N LEU A 65 4.87 13.17 -5.61
CA LEU A 65 5.23 12.02 -4.81
C LEU A 65 5.79 10.95 -5.68
N LEU A 66 5.15 10.69 -6.83
CA LEU A 66 5.64 9.64 -7.72
C LEU A 66 6.96 10.01 -8.35
N LYS A 67 7.17 11.29 -8.72
CA LYS A 67 8.48 11.66 -9.27
C LYS A 67 9.58 11.40 -8.24
N LYS A 68 9.29 11.67 -6.96
CA LYS A 68 10.28 11.46 -5.84
C LYS A 68 10.66 9.99 -5.63
N VAL A 69 9.69 9.12 -5.84
CA VAL A 69 9.87 7.72 -5.57
C VAL A 69 10.17 6.95 -6.82
N SER A 70 9.79 7.53 -7.97
CA SER A 70 9.82 6.84 -9.28
C SER A 70 11.23 6.78 -9.90
N SER A 71 12.23 7.26 -9.18
CA SER A 71 13.59 6.95 -9.60
C SER A 71 14.06 5.52 -9.33
N GLY A 72 14.61 4.92 -10.37
CA GLY A 72 15.20 3.59 -10.30
C GLY A 72 14.18 2.45 -10.36
N PHE A 73 14.62 1.30 -9.85
CA PHE A 73 13.74 0.16 -9.61
C PHE A 73 13.24 0.15 -8.18
N SER A 74 11.99 -0.30 -8.02
CA SER A 74 11.50 -0.70 -6.70
C SER A 74 10.14 -1.41 -6.82
N GLY A 75 9.49 -1.55 -5.66
CA GLY A 75 8.20 -2.14 -5.51
C GLY A 75 7.20 -1.03 -5.44
N VAL A 76 7.43 0.05 -6.17
CA VAL A 76 6.47 1.11 -6.39
C VAL A 76 6.19 1.22 -7.89
N ILE A 77 4.93 1.36 -8.25
CA ILE A 77 4.53 1.62 -9.61
C ILE A 77 5.18 2.88 -10.21
N ARG A 78 5.81 2.76 -11.37
CA ARG A 78 6.55 3.91 -11.91
C ARG A 78 5.63 4.87 -12.69
N LEU A 79 5.84 6.18 -12.52
CA LEU A 79 5.16 7.19 -13.32
C LEU A 79 5.97 7.39 -14.59
N LEU A 80 5.37 7.04 -15.72
CA LEU A 80 6.08 7.13 -17.00
C LEU A 80 5.97 8.51 -17.63
N ASP A 81 4.93 9.26 -17.29
CA ASP A 81 4.66 10.54 -17.91
C ASP A 81 3.39 11.05 -17.31
N TRP A 82 3.06 12.30 -17.60
CA TRP A 82 1.81 12.87 -17.19
C TRP A 82 1.51 14.05 -18.08
N PHE A 83 0.25 14.52 -18.06
CA PHE A 83 -0.25 15.57 -18.93
C PHE A 83 -1.20 16.42 -18.19
N GLU A 84 -1.25 17.69 -18.52
CA GLU A 84 -2.33 18.48 -17.98
C GLU A 84 -3.41 18.74 -19.04
N ARG A 85 -4.66 18.84 -18.60
CA ARG A 85 -5.74 19.23 -19.44
C ARG A 85 -6.56 20.31 -18.76
N PRO A 86 -7.44 20.96 -19.53
CA PRO A 86 -8.29 22.00 -18.94
C PRO A 86 -8.84 21.58 -17.59
N ASP A 87 -9.50 20.44 -17.48
CA ASP A 87 -10.16 20.16 -16.21
C ASP A 87 -9.66 18.99 -15.34
N SER A 88 -8.58 18.35 -15.78
CA SER A 88 -8.15 17.07 -15.23
C SER A 88 -6.65 16.87 -15.47
N PHE A 89 -5.99 15.98 -14.72
CA PHE A 89 -4.63 15.55 -15.11
C PHE A 89 -4.70 14.12 -15.55
N VAL A 90 -3.74 13.70 -16.34
CA VAL A 90 -3.71 12.36 -16.82
C VAL A 90 -2.34 11.80 -16.53
N LEU A 91 -2.27 10.70 -15.79
CA LEU A 91 -0.99 10.09 -15.40
C LEU A 91 -0.78 8.82 -16.17
N ILE A 92 0.43 8.55 -16.59
CA ILE A 92 0.68 7.37 -17.36
C ILE A 92 1.56 6.46 -16.49
N LEU A 93 1.11 5.25 -16.20
CA LEU A 93 1.74 4.44 -15.16
C LEU A 93 2.09 3.10 -15.72
N GLU A 94 3.09 2.48 -15.09
CA GLU A 94 3.51 1.15 -15.45
C GLU A 94 2.30 0.22 -15.31
N ARG A 95 2.19 -0.77 -16.18
CA ARG A 95 1.19 -1.83 -16.01
C ARG A 95 1.83 -3.18 -16.24
N PRO A 96 1.92 -3.99 -15.19
CA PRO A 96 2.43 -5.38 -15.39
C PRO A 96 1.28 -6.23 -15.92
N GLU A 97 1.64 -7.38 -16.49
CA GLU A 97 0.68 -8.17 -17.28
C GLU A 97 1.28 -9.57 -17.31
N PRO A 98 0.61 -10.55 -16.69
CA PRO A 98 -0.66 -10.32 -15.98
C PRO A 98 -0.48 -9.79 -14.55
N VAL A 99 -1.53 -9.17 -14.02
CA VAL A 99 -1.50 -8.53 -12.71
C VAL A 99 -2.83 -8.82 -11.97
N GLN A 100 -2.80 -8.80 -10.64
CA GLN A 100 -4.02 -8.92 -9.80
C GLN A 100 -3.74 -8.14 -8.53
N ASP A 101 -4.67 -7.32 -8.06
CA ASP A 101 -4.39 -6.60 -6.85
C ASP A 101 -4.55 -7.55 -5.69
N LEU A 102 -3.99 -7.21 -4.53
CA LEU A 102 -3.97 -8.15 -3.43
C LEU A 102 -5.37 -8.35 -2.80
N PHE A 103 -6.22 -7.34 -2.87
CA PHE A 103 -7.58 -7.50 -2.34
C PHE A 103 -8.30 -8.64 -3.10
N ASP A 104 -8.31 -8.55 -4.41
CA ASP A 104 -8.73 -9.65 -5.20
C ASP A 104 -8.11 -10.99 -4.94
N PHE A 105 -6.82 -11.00 -4.75
CA PHE A 105 -6.13 -12.26 -4.64
C PHE A 105 -6.53 -12.90 -3.32
N ILE A 106 -6.83 -12.08 -2.32
CA ILE A 106 -7.24 -12.61 -1.02
C ILE A 106 -8.69 -13.06 -1.06
N THR A 107 -9.53 -12.28 -1.72
CA THR A 107 -10.93 -12.68 -1.93
C THR A 107 -10.98 -14.06 -2.58
N GLU A 108 -10.09 -14.33 -3.53
CA GLU A 108 -10.16 -15.55 -4.30
C GLU A 108 -9.52 -16.75 -3.58
N ARG A 109 -8.45 -16.53 -2.84
CA ARG A 109 -7.77 -17.69 -2.30
C ARG A 109 -7.93 -17.85 -0.80
N GLY A 110 -8.66 -16.95 -0.15
CA GLY A 110 -8.80 -16.95 1.33
C GLY A 110 -7.49 -16.54 2.03
N ALA A 111 -7.40 -16.79 3.35
CA ALA A 111 -6.22 -16.48 4.09
C ALA A 111 -5.01 -17.08 3.37
N LEU A 112 -3.93 -16.30 3.26
CA LEU A 112 -2.68 -16.83 2.71
C LEU A 112 -1.86 -17.72 3.66
N GLN A 113 -1.14 -18.70 3.10
CA GLN A 113 -0.12 -19.40 3.88
C GLN A 113 0.94 -18.44 4.43
N GLU A 114 1.46 -18.79 5.60
CA GLU A 114 2.44 -17.93 6.23
C GLU A 114 3.65 -17.62 5.33
N GLU A 115 4.13 -18.64 4.66
CA GLU A 115 5.23 -18.48 3.77
C GLU A 115 4.93 -17.45 2.69
N LEU A 116 3.75 -17.49 2.12
CA LEU A 116 3.42 -16.51 1.11
C LEU A 116 3.19 -15.13 1.72
N ALA A 117 2.48 -15.05 2.86
CA ALA A 117 2.28 -13.77 3.58
C ALA A 117 3.63 -13.13 3.94
N ARG A 118 4.63 -13.96 4.31
CA ARG A 118 5.96 -13.45 4.70
C ARG A 118 6.65 -12.82 3.48
N SER A 119 6.55 -13.52 2.34
CA SER A 119 7.16 -13.04 1.13
C SER A 119 6.51 -11.73 0.66
N PHE A 120 5.19 -11.68 0.70
CA PHE A 120 4.48 -10.49 0.26
C PHE A 120 4.74 -9.32 1.23
N PHE A 121 4.62 -9.61 2.53
CA PHE A 121 4.78 -8.58 3.58
C PHE A 121 6.20 -7.92 3.53
N TRP A 122 7.23 -8.75 3.47
CA TRP A 122 8.62 -8.26 3.22
C TRP A 122 8.67 -7.29 2.03
N GLN A 123 8.16 -7.71 0.85
CA GLN A 123 8.23 -6.84 -0.31
C GLN A 123 7.48 -5.56 0.01
N VAL A 124 6.40 -5.65 0.77
CA VAL A 124 5.68 -4.40 1.05
C VAL A 124 6.56 -3.48 1.90
N LEU A 125 7.15 -4.05 2.92
CA LEU A 125 8.07 -3.32 3.80
C LEU A 125 9.26 -2.71 3.01
N GLU A 126 9.89 -3.49 2.11
CA GLU A 126 10.88 -2.89 1.23
C GLU A 126 10.34 -1.72 0.41
N ALA A 127 9.11 -1.83 -0.13
CA ALA A 127 8.53 -0.71 -0.88
C ALA A 127 8.28 0.51 0.03
N VAL A 128 7.85 0.24 1.27
CA VAL A 128 7.48 1.33 2.17
C VAL A 128 8.74 2.00 2.64
N ARG A 129 9.78 1.21 2.92
CA ARG A 129 11.10 1.80 3.30
C ARG A 129 11.66 2.65 2.20
N HIS A 130 11.48 2.23 0.95
CA HIS A 130 11.97 2.97 -0.18
C HIS A 130 11.25 4.32 -0.28
N CYS A 131 9.94 4.35 -0.07
CA CYS A 131 9.20 5.63 -0.10
C CYS A 131 9.68 6.58 0.98
N HIS A 132 9.85 6.04 2.19
CA HIS A 132 10.42 6.84 3.28
C HIS A 132 11.84 7.33 3.00
N ASN A 133 12.70 6.43 2.50
CA ASN A 133 14.05 6.85 2.12
C ASN A 133 13.94 8.03 1.11
N CYS A 134 12.91 8.07 0.27
CA CYS A 134 12.76 9.15 -0.69
C CYS A 134 11.99 10.34 -0.18
N GLY A 135 11.59 10.35 1.09
CA GLY A 135 10.82 11.47 1.64
C GLY A 135 9.34 11.40 1.34
N VAL A 136 8.84 10.23 0.97
CA VAL A 136 7.42 10.09 0.69
C VAL A 136 6.70 9.18 1.69
N LEU A 137 5.59 9.64 2.22
CA LEU A 137 4.78 8.79 3.06
C LEU A 137 3.47 8.44 2.33
N HIS A 138 3.16 7.15 2.14
CA HIS A 138 2.02 6.75 1.29
C HIS A 138 0.64 7.08 1.91
N ARG A 139 0.47 6.76 3.20
CA ARG A 139 -0.75 7.07 3.93
C ARG A 139 -2.00 6.26 3.58
N ASP A 140 -1.93 5.38 2.61
CA ASP A 140 -3.06 4.46 2.42
C ASP A 140 -2.63 3.01 2.04
N ILE A 141 -1.60 2.49 2.71
CA ILE A 141 -1.18 1.11 2.51
C ILE A 141 -2.37 0.14 2.85
N LYS A 142 -2.74 -0.73 1.94
CA LYS A 142 -3.79 -1.70 2.18
C LYS A 142 -3.81 -2.66 0.99
N ASP A 143 -4.49 -3.80 1.14
CA ASP A 143 -4.49 -4.83 0.04
C ASP A 143 -4.87 -4.32 -1.33
N GLU A 144 -5.82 -3.39 -1.41
CA GLU A 144 -6.29 -2.85 -2.70
C GLU A 144 -5.28 -1.99 -3.40
N ASN A 145 -4.38 -1.38 -2.64
CA ASN A 145 -3.34 -0.53 -3.24
C ASN A 145 -2.08 -1.29 -3.47
N ILE A 146 -2.14 -2.63 -3.52
CA ILE A 146 -0.96 -3.44 -3.85
C ILE A 146 -1.24 -4.33 -5.09
N LEU A 147 -0.37 -4.24 -6.10
CA LEU A 147 -0.49 -5.09 -7.25
C LEU A 147 0.51 -6.20 -7.24
N ILE A 148 0.10 -7.37 -7.74
CA ILE A 148 0.98 -8.52 -7.86
C ILE A 148 1.32 -8.72 -9.34
N ASP A 149 2.61 -8.68 -9.67
CA ASP A 149 3.07 -9.08 -11.00
C ASP A 149 3.16 -10.60 -10.92
N LEU A 150 2.14 -11.25 -11.45
CA LEU A 150 2.07 -12.70 -11.29
C LEU A 150 3.25 -13.51 -11.90
N ASN A 151 3.92 -13.07 -12.97
CA ASN A 151 5.01 -13.91 -13.50
C ASN A 151 6.25 -13.80 -12.64
N ARG A 152 6.60 -12.58 -12.25
CA ARG A 152 7.80 -12.36 -11.49
C ARG A 152 7.60 -12.51 -9.96
N GLY A 153 6.35 -12.50 -9.48
CA GLY A 153 6.10 -12.64 -8.04
C GLY A 153 6.45 -11.39 -7.20
N GLU A 154 6.50 -10.23 -7.85
CA GLU A 154 6.79 -8.93 -7.27
C GLU A 154 5.53 -8.12 -6.95
N LEU A 155 5.49 -7.49 -5.77
CA LEU A 155 4.44 -6.58 -5.36
C LEU A 155 4.83 -5.15 -5.72
N LYS A 156 3.86 -4.30 -6.05
CA LYS A 156 4.13 -2.90 -6.44
C LYS A 156 3.11 -2.04 -5.71
N LEU A 157 3.49 -0.90 -5.19
CA LEU A 157 2.50 -0.08 -4.50
C LEU A 157 1.89 0.89 -5.47
N ILE A 158 0.60 1.15 -5.35
CA ILE A 158 -0.07 2.10 -6.24
C ILE A 158 -0.84 3.11 -5.40
N ASP A 159 -1.28 4.17 -6.08
CA ASP A 159 -2.17 5.18 -5.60
C ASP A 159 -1.56 6.03 -4.49
N PHE A 160 -0.80 7.04 -4.91
CA PHE A 160 -0.17 7.89 -3.96
C PHE A 160 -1.01 9.10 -3.74
N GLY A 161 -2.27 8.99 -4.14
CA GLY A 161 -3.15 10.13 -4.08
C GLY A 161 -3.53 10.66 -2.74
N SER A 162 -3.31 9.89 -1.67
CA SER A 162 -3.53 10.44 -0.31
C SER A 162 -2.18 10.63 0.41
N GLY A 163 -1.09 10.46 -0.32
CA GLY A 163 0.21 10.58 0.27
C GLY A 163 0.57 11.99 0.74
N ALA A 164 1.78 12.13 1.27
CA ALA A 164 2.31 13.44 1.66
C ALA A 164 3.80 13.37 1.66
N LEU A 165 4.48 14.52 1.66
CA LEU A 165 5.90 14.54 1.90
C LEU A 165 6.08 13.98 3.29
N LEU A 166 7.12 13.17 3.49
CA LEU A 166 7.36 12.62 4.81
C LEU A 166 7.85 13.77 5.66
N LYS A 167 7.44 13.83 6.93
CA LYS A 167 7.99 14.83 7.91
C LYS A 167 8.00 14.25 9.32
N ASP A 168 8.63 14.97 10.24
CA ASP A 168 8.81 14.47 11.60
C ASP A 168 7.82 15.08 12.58
N THR A 169 6.99 16.02 12.13
CA THR A 169 6.03 16.65 13.02
C THR A 169 4.65 16.03 12.85
N VAL A 170 3.63 16.52 13.53
CA VAL A 170 2.37 15.80 13.56
C VAL A 170 1.56 16.05 12.29
N TYR A 171 0.74 15.08 11.86
CA TYR A 171 -0.13 15.24 10.70
C TYR A 171 -1.54 15.49 11.24
N THR A 172 -2.32 16.33 10.57
CA THR A 172 -3.63 16.67 11.08
C THR A 172 -4.66 16.39 9.99
N ASP A 173 -4.16 15.97 8.82
CA ASP A 173 -5.04 15.55 7.74
C ASP A 173 -4.96 14.05 7.54
N PHE A 174 -6.06 13.47 7.06
CA PHE A 174 -6.12 12.07 6.65
C PHE A 174 -7.29 11.82 5.71
N ASP A 175 -6.96 11.32 4.56
CA ASP A 175 -7.94 10.98 3.59
C ASP A 175 -7.64 9.58 3.07
N GLY A 176 -7.12 8.75 3.97
CA GLY A 176 -6.84 7.35 3.65
C GLY A 176 -8.05 6.47 3.97
N THR A 177 -7.80 5.19 4.20
CA THR A 177 -8.87 4.23 4.50
C THR A 177 -9.08 4.11 5.99
N ARG A 178 -10.31 4.41 6.43
CA ARG A 178 -10.58 4.55 7.87
C ARG A 178 -10.19 3.30 8.70
N VAL A 179 -10.75 2.15 8.32
CA VAL A 179 -10.51 0.88 8.99
C VAL A 179 -9.01 0.56 9.04
N TYR A 180 -8.21 1.17 8.16
CA TYR A 180 -6.74 1.00 8.24
C TYR A 180 -6.02 2.12 9.04
N SER A 181 -6.81 2.98 9.66
CA SER A 181 -6.23 4.16 10.35
C SER A 181 -6.06 3.91 11.85
N PRO A 182 -5.11 4.57 12.45
CA PRO A 182 -4.76 4.07 13.74
C PRO A 182 -5.62 4.69 14.83
N PRO A 183 -5.52 4.18 16.04
CA PRO A 183 -6.33 4.72 17.13
C PRO A 183 -6.13 6.24 17.38
N GLU A 184 -4.90 6.72 17.32
CA GLU A 184 -4.59 8.15 17.56
C GLU A 184 -5.26 9.07 16.53
N TRP A 185 -5.57 8.57 15.34
CA TRP A 185 -6.29 9.42 14.39
C TRP A 185 -7.73 9.45 14.75
N ILE A 186 -8.29 8.27 15.04
CA ILE A 186 -9.70 8.12 15.40
C ILE A 186 -10.02 9.05 16.57
N ARG A 187 -9.19 8.99 17.62
CA ARG A 187 -9.38 9.72 18.87
C ARG A 187 -8.99 11.18 18.81
N TYR A 188 -7.84 11.51 18.23
CA TYR A 188 -7.34 12.89 18.31
C TYR A 188 -7.19 13.62 16.99
N HIS A 189 -7.47 12.94 15.89
CA HIS A 189 -7.17 13.54 14.59
C HIS A 189 -5.70 14.00 14.50
N ARG A 190 -4.77 13.24 15.08
CA ARG A 190 -3.32 13.50 14.99
C ARG A 190 -2.61 12.15 14.87
N TYR A 191 -1.50 12.08 14.12
CA TYR A 191 -0.62 10.91 14.12
C TYR A 191 0.71 11.35 13.58
N HIS A 192 1.71 10.54 13.80
CA HIS A 192 2.98 10.72 13.10
C HIS A 192 3.12 9.70 11.95
N GLY A 193 4.00 9.98 11.01
CA GLY A 193 4.01 9.22 9.79
C GLY A 193 4.39 7.77 9.91
N ARG A 194 5.54 7.49 10.51
CA ARG A 194 6.10 6.19 10.43
C ARG A 194 5.30 5.27 11.26
N SER A 195 4.86 5.78 12.41
CA SER A 195 4.14 4.93 13.35
C SER A 195 2.69 4.63 12.88
N ALA A 196 2.09 5.56 12.16
CA ALA A 196 0.76 5.31 11.61
C ALA A 196 0.93 4.36 10.46
N ALA A 197 2.09 4.43 9.76
CA ALA A 197 2.33 3.52 8.64
C ALA A 197 2.48 2.07 9.18
N VAL A 198 3.18 1.93 10.31
CA VAL A 198 3.42 0.61 10.86
C VAL A 198 2.06 0.01 11.32
N TRP A 199 1.17 0.84 11.82
CA TRP A 199 -0.18 0.36 12.21
C TRP A 199 -0.90 -0.22 10.98
N SER A 200 -0.91 0.52 9.88
CA SER A 200 -1.62 0.05 8.70
C SER A 200 -0.95 -1.24 8.20
N LEU A 201 0.36 -1.38 8.42
CA LEU A 201 1.03 -2.58 8.04
C LEU A 201 0.56 -3.73 8.95
N GLY A 202 0.31 -3.42 10.20
CA GLY A 202 -0.30 -4.42 11.08
C GLY A 202 -1.67 -4.91 10.58
N ILE A 203 -2.51 -3.97 10.14
CA ILE A 203 -3.83 -4.31 9.62
C ILE A 203 -3.61 -5.17 8.40
N LEU A 204 -2.62 -4.75 7.59
CA LEU A 204 -2.39 -5.49 6.33
C LEU A 204 -1.93 -6.95 6.57
N LEU A 205 -1.06 -7.19 7.54
CA LEU A 205 -0.51 -8.53 7.67
C LEU A 205 -1.62 -9.41 8.27
N TYR A 206 -2.45 -8.85 9.17
CA TYR A 206 -3.60 -9.53 9.71
C TYR A 206 -4.48 -9.91 8.54
N ASP A 207 -4.79 -8.94 7.69
CA ASP A 207 -5.56 -9.24 6.49
C ASP A 207 -5.01 -10.42 5.69
N MET A 208 -3.68 -10.50 5.55
CA MET A 208 -3.11 -11.57 4.75
C MET A 208 -3.29 -12.88 5.46
N VAL A 209 -3.01 -12.97 6.75
CA VAL A 209 -3.02 -14.29 7.32
C VAL A 209 -4.43 -14.79 7.75
N CYS A 210 -5.36 -13.86 7.87
CA CYS A 210 -6.72 -14.17 8.32
C CYS A 210 -7.74 -14.10 7.21
N GLY A 211 -7.42 -13.40 6.12
CA GLY A 211 -8.34 -13.30 5.00
C GLY A 211 -9.30 -12.13 5.04
N ASP A 212 -9.21 -11.31 6.10
CA ASP A 212 -10.00 -10.12 6.27
C ASP A 212 -9.36 -9.19 7.33
N ILE A 213 -9.79 -7.93 7.44
CA ILE A 213 -9.16 -7.00 8.34
C ILE A 213 -9.62 -7.24 9.75
N PRO A 214 -8.82 -6.88 10.77
CA PRO A 214 -9.22 -7.22 12.13
C PRO A 214 -10.41 -6.37 12.71
N PHE A 215 -10.55 -5.11 12.29
CA PHE A 215 -11.44 -4.13 12.93
C PHE A 215 -12.35 -3.54 11.90
N GLU A 216 -13.65 -3.46 12.21
CA GLU A 216 -14.59 -2.76 11.29
C GLU A 216 -15.02 -1.39 11.82
N HIS A 217 -14.96 -1.21 13.14
CA HIS A 217 -15.64 -0.09 13.77
C HIS A 217 -14.70 0.69 14.62
N ASP A 218 -14.91 2.00 14.67
CA ASP A 218 -14.11 2.89 15.50
C ASP A 218 -13.79 2.37 16.89
N GLU A 219 -14.75 1.79 17.57
CA GLU A 219 -14.47 1.38 18.94
C GLU A 219 -13.58 0.12 19.07
N GLU A 220 -13.67 -0.81 18.10
CA GLU A 220 -12.70 -1.92 18.04
C GLU A 220 -11.28 -1.44 17.71
N ILE A 221 -11.17 -0.46 16.80
CA ILE A 221 -9.89 0.25 16.61
C ILE A 221 -9.36 0.84 17.91
N ILE A 222 -10.17 1.61 18.62
CA ILE A 222 -9.72 2.24 19.86
C ILE A 222 -9.41 1.19 20.89
N ARG A 223 -10.21 0.14 20.94
CA ARG A 223 -9.95 -0.95 21.87
C ARG A 223 -8.65 -1.74 21.51
N GLY A 224 -8.39 -1.90 20.21
CA GLY A 224 -7.16 -2.57 19.74
C GLY A 224 -6.90 -3.98 20.28
N GLN A 225 -7.96 -4.73 20.50
CA GLN A 225 -7.84 -6.09 20.96
C GLN A 225 -7.89 -7.03 19.73
N VAL A 226 -6.89 -7.87 19.56
CA VAL A 226 -6.83 -8.63 18.31
C VAL A 226 -7.29 -10.05 18.54
N PHE A 227 -8.36 -10.41 17.83
CA PHE A 227 -8.88 -11.75 17.88
C PHE A 227 -8.49 -12.45 16.58
N PHE A 228 -7.88 -13.63 16.67
CA PHE A 228 -7.59 -14.38 15.41
C PHE A 228 -8.66 -15.35 15.00
N ARG A 229 -9.09 -15.26 13.76
CA ARG A 229 -10.22 -16.08 13.32
C ARG A 229 -9.77 -17.36 12.60
N GLN A 230 -8.44 -17.47 12.38
CA GLN A 230 -7.80 -18.54 11.62
C GLN A 230 -6.55 -18.97 12.36
N ARG A 231 -6.09 -20.19 12.08
CA ARG A 231 -4.90 -20.67 12.72
CA ARG A 231 -4.88 -20.67 12.72
C ARG A 231 -3.75 -19.81 12.25
N VAL A 232 -3.10 -19.14 13.19
CA VAL A 232 -1.95 -18.30 12.91
C VAL A 232 -0.83 -18.58 13.91
N SER A 233 0.39 -18.72 13.41
CA SER A 233 1.49 -19.07 14.27
C SER A 233 1.63 -18.03 15.34
N SER A 234 2.31 -18.36 16.42
CA SER A 234 2.49 -17.44 17.52
C SER A 234 3.39 -16.26 17.21
N GLU A 235 4.37 -16.47 16.35
CA GLU A 235 5.30 -15.43 16.07
C GLU A 235 4.67 -14.39 15.21
N CYS A 236 3.90 -14.84 14.23
CA CYS A 236 3.08 -13.94 13.45
C CYS A 236 2.07 -13.15 14.33
N GLN A 237 1.43 -13.81 15.28
CA GLN A 237 0.47 -13.09 16.16
C GLN A 237 1.19 -12.04 16.95
N HIS A 238 2.41 -12.41 17.35
CA HIS A 238 3.20 -11.49 18.11
C HIS A 238 3.56 -10.26 17.23
N LEU A 239 4.02 -10.54 16.01
CA LEU A 239 4.37 -9.42 15.13
C LEU A 239 3.14 -8.55 14.89
N ILE A 240 1.97 -9.16 14.72
CA ILE A 240 0.84 -8.39 14.31
C ILE A 240 0.42 -7.53 15.52
N ARG A 241 0.38 -8.13 16.71
CA ARG A 241 -0.02 -7.39 17.90
C ARG A 241 0.98 -6.30 18.22
N TRP A 242 2.25 -6.50 17.88
CA TRP A 242 3.25 -5.45 18.06
C TRP A 242 3.00 -4.23 17.14
N CYS A 243 2.83 -4.46 15.84
CA CYS A 243 2.48 -3.34 14.95
C CYS A 243 1.20 -2.65 15.40
N LEU A 244 0.33 -3.39 16.09
CA LEU A 244 -0.99 -2.84 16.42
C LEU A 244 -1.06 -2.35 17.87
N ALA A 245 0.08 -2.07 18.50
CA ALA A 245 0.14 -1.45 19.81
C ALA A 245 -0.62 -0.14 19.86
N LEU A 246 -1.42 0.06 20.91
CA LEU A 246 -2.26 1.27 21.03
C LEU A 246 -1.41 2.56 21.11
N ARG A 247 -0.30 2.52 21.83
CA ARG A 247 0.55 3.69 21.90
C ARG A 247 1.48 3.66 20.69
N PRO A 248 1.46 4.72 19.86
CA PRO A 248 2.37 4.79 18.70
C PRO A 248 3.81 4.37 19.00
N SER A 249 4.33 4.81 20.12
CA SER A 249 5.76 4.67 20.35
C SER A 249 6.09 3.30 20.82
N ASP A 250 5.07 2.52 21.16
CA ASP A 250 5.25 1.10 21.47
C ASP A 250 5.33 0.24 20.18
N ARG A 251 5.05 0.83 19.01
CA ARG A 251 5.12 0.11 17.75
C ARG A 251 6.56 -0.07 17.29
N PRO A 252 6.82 -1.19 16.61
CA PRO A 252 8.14 -1.47 16.05
C PRO A 252 8.54 -0.47 14.97
N THR A 253 9.84 -0.24 14.80
CA THR A 253 10.35 0.46 13.67
C THR A 253 10.37 -0.54 12.51
N PHE A 254 10.55 -0.04 11.31
CA PHE A 254 10.71 -0.94 10.17
C PHE A 254 11.80 -1.92 10.38
N GLU A 255 12.92 -1.46 10.94
CA GLU A 255 14.02 -2.37 11.22
C GLU A 255 13.64 -3.48 12.16
N GLU A 256 12.96 -3.13 13.25
CA GLU A 256 12.49 -4.14 14.20
C GLU A 256 11.52 -5.14 13.55
N ILE A 257 10.66 -4.65 12.67
CA ILE A 257 9.75 -5.56 11.93
C ILE A 257 10.57 -6.55 11.11
N GLN A 258 11.46 -6.02 10.27
CA GLN A 258 12.33 -6.91 9.48
C GLN A 258 13.29 -7.84 10.25
N ASN A 259 13.61 -7.50 11.50
CA ASN A 259 14.47 -8.40 12.30
C ASN A 259 13.64 -9.34 13.17
N HIS A 260 12.31 -9.25 13.04
CA HIS A 260 11.42 -10.10 13.78
C HIS A 260 11.57 -11.58 13.37
N PRO A 261 11.63 -12.45 14.35
CA PRO A 261 11.82 -13.85 13.99
C PRO A 261 10.85 -14.36 12.94
N TRP A 262 9.61 -13.91 12.93
CA TRP A 262 8.69 -14.35 11.88
C TRP A 262 9.11 -13.96 10.46
N MET A 263 9.98 -12.96 10.33
CA MET A 263 10.39 -12.44 9.04
C MET A 263 11.62 -13.11 8.47
N GLN A 264 12.18 -14.10 9.16
N GLN A 264 12.15 -14.12 9.17
CA GLN A 264 13.42 -14.71 8.67
CA GLN A 264 13.35 -14.89 8.77
C GLN A 264 13.21 -15.69 7.50
C GLN A 264 13.17 -15.68 7.45
N ASP A 265 14.28 -15.90 6.72
CA ASP A 265 14.31 -16.84 5.58
C ASP A 265 13.19 -16.61 4.59
N VAL A 266 13.00 -15.36 4.19
CA VAL A 266 11.98 -14.98 3.22
C VAL A 266 12.37 -15.53 1.87
N LEU A 267 11.40 -15.89 1.06
CA LEU A 267 11.66 -16.41 -0.25
C LEU A 267 11.78 -15.25 -1.21
N LEU A 268 12.48 -15.50 -2.32
CA LEU A 268 12.61 -14.57 -3.43
C LEU A 268 11.29 -14.38 -4.18
N PRO A 269 11.11 -13.22 -4.77
CA PRO A 269 9.85 -13.08 -5.48
C PRO A 269 9.67 -14.23 -6.46
N GLN A 270 10.74 -14.57 -7.20
CA GLN A 270 10.65 -15.67 -8.18
C GLN A 270 10.30 -17.07 -7.57
N GLU A 271 10.94 -17.50 -6.47
CA GLU A 271 10.51 -18.73 -5.80
C GLU A 271 9.02 -18.63 -5.34
N THR A 272 8.62 -17.43 -4.95
CA THR A 272 7.28 -17.18 -4.46
C THR A 272 6.33 -17.43 -5.64
N ALA A 273 6.71 -16.92 -6.80
CA ALA A 273 5.91 -17.09 -7.98
C ALA A 273 5.85 -18.60 -8.38
N GLU A 274 6.98 -19.32 -8.29
CA GLU A 274 7.00 -20.69 -8.78
C GLU A 274 6.10 -21.59 -7.89
N ILE A 275 6.26 -21.45 -6.56
CA ILE A 275 5.53 -22.21 -5.56
C ILE A 275 4.07 -21.82 -5.41
N HIS A 276 3.78 -20.52 -5.45
CA HIS A 276 2.50 -20.07 -4.92
C HIS A 276 1.65 -19.42 -5.96
N LEU A 277 2.25 -19.06 -7.08
CA LEU A 277 1.46 -18.47 -8.10
C LEU A 277 1.58 -19.26 -9.39
C1 Q18 B . -8.97 -2.61 -7.42
C2 Q18 B . -9.23 -2.40 -8.94
C3 Q18 B . -8.01 -1.79 -9.67
N4 Q18 B . -7.69 -0.50 -9.00
C5 Q18 B . -7.01 -0.58 -7.69
C6 Q18 B . -8.07 -0.31 -6.60
C7 Q18 B . -9.16 -1.38 -6.49
C8 Q18 B . -7.77 0.78 -9.80
C9 Q18 B . -7.29 2.09 -9.14
C10 Q18 B . -5.99 2.61 -9.34
C11 Q18 B . -5.63 3.78 -8.70
C12 Q18 B . -6.43 4.53 -7.86
C13 Q18 B . -7.71 4.06 -7.61
C14 Q18 B . -8.19 2.89 -8.24
O15 Q18 B . -4.96 2.05 -10.16
C16 Q18 B . -3.88 2.87 -10.06
C17 Q18 B . -4.26 3.99 -9.14
C18 Q18 B . -2.58 2.67 -10.77
C19 Q18 B . -2.16 1.55 -11.66
C20 Q18 B . -2.95 0.40 -12.01
C21 Q18 B . -2.07 -0.36 -12.77
N22 Q18 B . -0.85 0.25 -12.88
C23 Q18 B . -0.88 1.42 -12.18
C24 Q18 B . -4.26 0.04 -11.69
C25 Q18 B . -4.69 -1.18 -12.18
C26 Q18 B . -3.84 -1.96 -12.99
C27 Q18 B . -2.53 -1.56 -13.29
O28 Q18 B . -3.57 5.00 -8.77
O29 Q18 B . -9.47 2.48 -7.98
S SO4 C . 3.13 -21.91 17.61
O1 SO4 C . 2.65 -23.22 17.16
O2 SO4 C . 2.04 -20.95 17.48
O3 SO4 C . 3.56 -22.00 19.01
O4 SO4 C . 4.20 -21.48 16.71
#